data_4QUN
#
_entry.id   4QUN
#
_cell.length_a   94.740
_cell.length_b   97.000
_cell.length_c   138.207
_cell.angle_alpha   90.00
_cell.angle_beta   90.00
_cell.angle_gamma   90.00
#
_symmetry.space_group_name_H-M   'C 2 2 21'
#
loop_
_entity.id
_entity.type
_entity.pdbx_description
1 polymer 'Tyrosine-protein phosphatase non-receptor type 3'
2 non-polymer 'PHOSPHATE ION'
3 non-polymer GLYCEROL
4 water water
#
_entity_poly.entity_id   1
_entity_poly.type   'polypeptide(L)'
_entity_poly.pdbx_seq_one_letter_code
;MHHHHHHSSGVDLGTENLYFQSNADTLEGSMAQLKKGLESGTVLIQFEQLYRKKPGLAITFAKLPQNLDKNRYKDVLPYD
TTRVLLQGNEDYINASYVNMEIPAANLVNKYIATQGPLPHTCAQFWQVVWDQKLSLIVMLTTLTERGRTKCHQYWPDPPD
VMNHGGFHIQCQSEDCTIAYVSREMLVTNTQTGEEHTVTHLQYVAWPDHGVPDDSSDFLEFVNYVRSLRVDSEPVLVHSS
AGIGRTGVLVTMETAMCLTERNLPIYPLDIVRKMRDQRAMMVQTSSQYKFVCEAILRVYEEGLVQM
;
_entity_poly.pdbx_strand_id   A,B
#
loop_
_chem_comp.id
_chem_comp.type
_chem_comp.name
_chem_comp.formula
GOL non-polymer GLYCEROL 'C3 H8 O3'
PO4 non-polymer 'PHOSPHATE ION' 'O4 P -3'
#
# COMPACT_ATOMS: atom_id res chain seq x y z
N ASN A 23 -5.80 20.38 19.53
CA ASN A 23 -5.08 20.99 20.65
C ASN A 23 -5.48 22.47 20.78
N ALA A 24 -5.14 23.32 19.81
CA ALA A 24 -5.55 24.73 19.89
C ALA A 24 -7.05 24.90 19.64
N ASP A 25 -7.62 23.99 18.86
CA ASP A 25 -9.03 24.04 18.50
C ASP A 25 -9.38 22.64 18.01
N THR A 26 -10.66 22.38 17.81
CA THR A 26 -11.08 21.15 17.17
C THR A 26 -10.73 21.26 15.68
N LEU A 27 -10.73 20.13 14.99
CA LEU A 27 -10.61 20.19 13.53
C LEU A 27 -11.74 21.04 12.96
N GLU A 28 -12.95 20.81 13.44
CA GLU A 28 -14.12 21.55 12.97
C GLU A 28 -13.87 23.04 13.10
N GLY A 29 -13.33 23.42 14.26
CA GLY A 29 -13.07 24.83 14.51
C GLY A 29 -12.00 25.41 13.61
N SER A 30 -10.92 24.66 13.37
CA SER A 30 -9.84 25.13 12.50
C SER A 30 -10.34 25.32 11.06
N MET A 31 -11.30 24.51 10.65
CA MET A 31 -11.83 24.61 9.29
C MET A 31 -12.76 25.82 9.14
N ALA A 32 -13.51 26.14 10.21
CA ALA A 32 -14.34 27.34 10.19
C ALA A 32 -13.44 28.55 10.07
N GLN A 33 -12.34 28.51 10.79
CA GLN A 33 -11.38 29.62 10.77
C GLN A 33 -10.75 29.77 9.38
N LEU A 34 -10.34 28.65 8.80
CA LEU A 34 -9.78 28.65 7.45
C LEU A 34 -10.76 29.23 6.42
N LYS A 35 -12.00 28.75 6.44
CA LYS A 35 -13.02 29.23 5.51
C LYS A 35 -13.24 30.73 5.65
N LYS A 36 -13.45 31.20 6.88
CA LYS A 36 -13.60 32.63 7.18
C LYS A 36 -12.39 33.42 6.71
N GLY A 37 -11.21 32.86 6.89
CA GLY A 37 -9.97 33.52 6.51
C GLY A 37 -9.76 33.62 5.01
N LEU A 38 -10.26 32.64 4.27
CA LEU A 38 -10.23 32.66 2.81
C LEU A 38 -11.21 33.67 2.25
N GLU A 39 -12.40 33.76 2.84
CA GLU A 39 -13.36 34.73 2.35
C GLU A 39 -12.93 36.18 2.63
N SER A 40 -12.22 36.45 3.72
CA SER A 40 -12.06 37.84 4.16
C SER A 40 -11.07 38.81 3.42
N GLY A 41 -9.82 38.47 3.07
CA GLY A 41 -9.12 37.20 3.23
C GLY A 41 -7.75 37.34 3.88
N THR A 42 -7.78 37.44 5.19
CA THR A 42 -6.62 37.53 6.06
C THR A 42 -5.60 36.41 5.88
N VAL A 43 -6.09 35.24 5.49
CA VAL A 43 -5.26 34.05 5.40
C VAL A 43 -4.16 34.22 4.35
N LEU A 44 -4.50 34.88 3.24
CA LEU A 44 -3.52 35.08 2.17
C LEU A 44 -2.50 36.14 2.57
N ILE A 45 -2.94 37.15 3.30
CA ILE A 45 -2.03 38.15 3.86
C ILE A 45 -1.00 37.48 4.75
N GLN A 46 -1.46 36.66 5.68
CA GLN A 46 -0.52 36.04 6.62
C GLN A 46 0.48 35.14 5.90
N PHE A 47 0.04 34.43 4.87
CA PHE A 47 0.96 33.61 4.08
C PHE A 47 2.07 34.48 3.49
N GLU A 48 1.70 35.62 2.94
CA GLU A 48 2.70 36.50 2.36
C GLU A 48 3.67 37.09 3.39
N GLN A 49 3.24 37.22 4.64
CA GLN A 49 4.09 37.77 5.68
C GLN A 49 5.12 36.73 6.16
N LEU A 50 4.88 35.45 5.89
CA LEU A 50 5.77 34.39 6.35
C LEU A 50 7.15 34.50 5.70
N TYR A 51 8.21 34.24 6.46
CA TYR A 51 9.54 34.25 5.84
C TYR A 51 9.65 33.16 4.78
N ARG A 52 10.41 33.44 3.72
CA ARG A 52 10.68 32.48 2.67
C ARG A 52 11.83 31.53 3.04
N LYS A 53 12.91 32.07 3.61
CA LYS A 53 14.02 31.28 4.14
C LYS A 53 14.10 31.49 5.65
N LYS A 54 14.39 30.44 6.39
CA LYS A 54 14.52 30.58 7.82
C LYS A 54 15.80 31.32 8.13
N PRO A 55 15.68 32.47 8.80
CA PRO A 55 16.88 33.21 9.19
C PRO A 55 17.65 32.36 10.20
N GLY A 56 18.95 32.23 10.01
CA GLY A 56 19.71 31.52 11.02
C GLY A 56 20.05 30.10 10.62
N LEU A 57 19.62 29.66 9.44
CA LEU A 57 20.12 28.38 8.91
C LEU A 57 21.15 28.69 7.83
N ALA A 58 22.35 28.12 7.98
CA ALA A 58 23.45 28.36 7.04
C ALA A 58 23.19 27.75 5.67
N ILE A 59 23.55 28.47 4.62
CA ILE A 59 23.61 27.92 3.26
C ILE A 59 25.02 28.23 2.72
N THR A 60 25.89 27.22 2.74
CA THR A 60 27.29 27.46 2.38
C THR A 60 27.76 26.43 1.35
N PHE A 61 27.50 25.14 1.60
CA PHE A 61 27.94 24.12 0.64
C PHE A 61 27.33 24.31 -0.73
N ALA A 62 26.07 24.74 -0.79
CA ALA A 62 25.39 24.96 -2.07
C ALA A 62 26.09 26.04 -2.92
N LYS A 63 26.81 26.93 -2.27
CA LYS A 63 27.49 28.01 -2.97
C LYS A 63 28.98 27.78 -3.23
N LEU A 64 29.53 26.63 -2.88
CA LEU A 64 30.94 26.38 -3.14
C LEU A 64 31.15 26.35 -4.65
N PRO A 65 32.30 26.88 -5.11
CA PRO A 65 32.58 26.92 -6.56
C PRO A 65 32.32 25.59 -7.27
N GLN A 66 32.65 24.46 -6.64
CA GLN A 66 32.48 23.17 -7.32
C GLN A 66 31.03 22.73 -7.37
N ASN A 67 30.18 23.38 -6.59
CA ASN A 67 28.77 22.95 -6.52
C ASN A 67 27.83 23.88 -7.29
N LEU A 68 28.32 25.03 -7.72
CA LEU A 68 27.46 26.02 -8.37
C LEU A 68 26.72 25.46 -9.62
N ASP A 69 27.39 24.66 -10.43
CA ASP A 69 26.73 24.20 -11.66
C ASP A 69 25.79 23.04 -11.39
N LYS A 70 25.73 22.60 -10.13
CA LYS A 70 24.80 21.53 -9.72
C LYS A 70 23.43 22.08 -9.27
N ASN A 71 23.30 23.41 -9.26
CA ASN A 71 22.04 24.06 -8.91
C ASN A 71 21.30 24.53 -10.14
N ARG A 72 20.07 24.08 -10.31
CA ARG A 72 19.31 24.44 -11.50
C ARG A 72 18.97 25.94 -11.45
N TYR A 73 18.63 26.42 -10.25
CA TYR A 73 18.33 27.83 -10.02
C TYR A 73 19.29 28.41 -9.00
N LYS A 74 19.89 29.55 -9.32
CA LYS A 74 20.98 30.10 -8.54
C LYS A 74 20.56 30.40 -7.11
N ASP A 75 19.31 30.81 -6.92
CA ASP A 75 18.84 31.25 -5.62
C ASP A 75 17.91 30.25 -4.91
N VAL A 76 17.81 29.04 -5.44
CA VAL A 76 17.01 27.98 -4.81
C VAL A 76 17.96 26.89 -4.31
N LEU A 77 18.32 27.00 -3.03
CA LEU A 77 19.45 26.27 -2.44
C LEU A 77 19.07 25.56 -1.13
N PRO A 78 19.62 24.36 -0.89
CA PRO A 78 19.33 23.63 0.36
C PRO A 78 20.10 24.18 1.57
N TYR A 79 19.51 24.11 2.75
CA TYR A 79 20.25 24.45 3.98
C TYR A 79 21.36 23.44 4.21
N ASP A 80 22.47 23.86 4.81
CA ASP A 80 23.54 22.93 5.18
C ASP A 80 23.02 21.77 6.04
N THR A 81 22.19 22.09 7.02
CA THR A 81 21.80 21.09 8.00
C THR A 81 20.88 20.00 7.46
N THR A 82 20.02 20.32 6.49
CA THR A 82 19.06 19.33 6.02
C THR A 82 19.35 18.83 4.61
N ARG A 83 20.50 19.20 4.05
CA ARG A 83 20.81 18.74 2.69
C ARG A 83 21.13 17.25 2.69
N VAL A 84 20.82 16.61 1.55
CA VAL A 84 21.11 15.19 1.35
C VAL A 84 22.58 15.02 0.99
N LEU A 85 23.29 14.20 1.76
CA LEU A 85 24.71 13.92 1.54
C LEU A 85 24.91 12.72 0.64
N LEU A 86 25.76 12.88 -0.37
CA LEU A 86 26.21 11.77 -1.21
C LEU A 86 27.54 11.25 -0.70
N GLN A 87 27.85 9.99 -0.99
CA GLN A 87 29.13 9.43 -0.60
C GLN A 87 30.25 9.96 -1.53
N GLY A 88 31.38 10.33 -0.94
CA GLY A 88 32.57 10.60 -1.74
C GLY A 88 33.16 12.00 -1.70
N ASN A 89 33.94 12.31 -2.74
CA ASN A 89 34.61 13.61 -2.85
C ASN A 89 33.62 14.73 -3.10
N GLU A 90 32.71 14.48 -4.04
CA GLU A 90 31.66 15.45 -4.33
C GLU A 90 30.35 15.00 -3.64
N ASP A 91 30.13 15.51 -2.43
CA ASP A 91 29.01 15.04 -1.63
C ASP A 91 27.69 15.78 -1.92
N TYR A 92 27.73 16.72 -2.88
CA TYR A 92 26.63 17.69 -2.99
C TYR A 92 25.53 17.35 -3.99
N ILE A 93 24.29 17.43 -3.54
CA ILE A 93 23.16 17.45 -4.45
C ILE A 93 22.15 18.48 -3.93
N ASN A 94 21.47 19.17 -4.84
CA ASN A 94 20.46 20.12 -4.42
C ASN A 94 19.19 19.36 -4.04
N ALA A 95 19.13 18.95 -2.77
CA ALA A 95 18.04 18.10 -2.27
C ALA A 95 18.04 18.23 -0.77
N SER A 96 16.85 18.11 -0.18
CA SER A 96 16.67 18.37 1.23
C SER A 96 15.82 17.30 1.88
N TYR A 97 16.17 16.90 3.11
CA TYR A 97 15.27 16.09 3.91
C TYR A 97 14.14 16.98 4.43
N VAL A 98 12.90 16.57 4.18
CA VAL A 98 11.76 17.28 4.73
C VAL A 98 10.83 16.27 5.40
N ASN A 99 10.69 16.38 6.72
CA ASN A 99 9.95 15.41 7.52
C ASN A 99 8.80 16.11 8.17
N MET A 100 7.60 15.61 7.94
CA MET A 100 6.41 16.27 8.47
C MET A 100 5.83 15.44 9.60
N GLU A 101 5.87 16.00 10.80
CA GLU A 101 5.44 15.29 11.98
C GLU A 101 3.96 15.51 12.25
N ILE A 102 3.30 14.42 12.60
CA ILE A 102 1.97 14.47 13.18
C ILE A 102 2.10 13.90 14.60
N PRO A 103 2.62 14.72 15.56
CA PRO A 103 3.02 14.25 16.89
C PRO A 103 1.87 13.59 17.66
N ALA A 104 0.68 14.15 17.54
CA ALA A 104 -0.50 13.59 18.20
C ALA A 104 -0.92 12.23 17.65
N ALA A 105 -0.03 11.62 16.88
CA ALA A 105 -0.33 10.37 16.22
C ALA A 105 0.85 9.44 16.04
N ASN A 106 1.98 9.79 16.60
CA ASN A 106 3.16 8.94 16.52
C ASN A 106 3.53 8.65 15.06
N LEU A 107 3.46 9.69 14.24
CA LEU A 107 3.60 9.55 12.80
C LEU A 107 4.50 10.65 12.22
N VAL A 108 5.41 10.25 11.32
CA VAL A 108 6.25 11.18 10.60
C VAL A 108 6.26 10.79 9.11
N ASN A 109 5.83 11.69 8.24
CA ASN A 109 5.92 11.46 6.81
C ASN A 109 7.21 12.02 6.30
N LYS A 110 8.04 11.15 5.77
CA LYS A 110 9.36 11.55 5.31
C LYS A 110 9.35 11.82 3.81
N TYR A 111 10.02 12.92 3.43
CA TYR A 111 10.24 13.26 2.03
C TYR A 111 11.71 13.59 1.80
N ILE A 112 12.13 13.41 0.56
CA ILE A 112 13.30 14.11 0.06
C ILE A 112 12.81 15.04 -1.07
N ALA A 113 12.97 16.34 -0.86
CA ALA A 113 12.52 17.32 -1.84
C ALA A 113 13.71 17.83 -2.63
N THR A 114 13.60 17.81 -3.96
CA THR A 114 14.78 18.12 -4.77
C THR A 114 14.37 18.81 -6.07
N GLN A 115 15.34 19.40 -6.75
CA GLN A 115 15.11 20.06 -8.03
C GLN A 115 15.00 19.02 -9.17
N GLY A 116 14.55 19.47 -10.35
CA GLY A 116 14.64 18.62 -11.52
C GLY A 116 16.11 18.46 -11.90
N PRO A 117 16.59 17.20 -11.98
CA PRO A 117 17.97 16.88 -12.32
C PRO A 117 18.45 17.60 -13.60
N LEU A 118 19.70 18.04 -13.60
CA LEU A 118 20.35 18.64 -14.79
C LEU A 118 21.05 17.50 -15.54
N PRO A 119 21.42 17.69 -16.81
CA PRO A 119 22.12 16.63 -17.55
C PRO A 119 23.29 16.00 -16.75
N HIS A 120 24.05 16.84 -16.06
CA HIS A 120 25.22 16.36 -15.32
C HIS A 120 24.97 16.09 -13.82
N THR A 121 23.72 16.13 -13.36
CA THR A 121 23.44 15.69 -11.98
C THR A 121 22.56 14.46 -11.95
N CYS A 122 22.24 13.90 -13.12
CA CYS A 122 21.47 12.66 -13.18
C CYS A 122 22.12 11.53 -12.37
N ALA A 123 23.45 11.43 -12.43
CA ALA A 123 24.18 10.41 -11.70
C ALA A 123 23.98 10.56 -10.19
N GLN A 124 24.03 11.78 -9.70
CA GLN A 124 23.80 12.02 -8.26
C GLN A 124 22.37 11.76 -7.83
N PHE A 125 21.41 12.13 -8.68
CA PHE A 125 20.02 11.84 -8.43
C PHE A 125 19.80 10.33 -8.22
N TRP A 126 20.29 9.52 -9.14
CA TRP A 126 20.08 8.09 -9.03
C TRP A 126 20.86 7.51 -7.86
N GLN A 127 21.98 8.13 -7.52
CA GLN A 127 22.75 7.68 -6.36
C GLN A 127 21.92 7.81 -5.08
N VAL A 128 21.14 8.89 -4.97
CA VAL A 128 20.31 9.10 -3.79
C VAL A 128 19.20 8.08 -3.73
N VAL A 129 18.62 7.77 -4.89
CA VAL A 129 17.56 6.77 -4.94
C VAL A 129 18.15 5.43 -4.51
N TRP A 130 19.36 5.15 -4.96
CA TRP A 130 20.02 3.88 -4.67
C TRP A 130 20.39 3.77 -3.18
N ASP A 131 21.07 4.79 -2.66
CA ASP A 131 21.56 4.82 -1.28
C ASP A 131 20.47 4.57 -0.27
N GLN A 132 19.28 5.06 -0.58
CA GLN A 132 18.21 4.98 0.40
C GLN A 132 17.17 3.92 -0.04
N LYS A 133 17.45 3.27 -1.17
CA LYS A 133 16.53 2.31 -1.78
C LYS A 133 15.09 2.88 -1.77
N LEU A 134 14.95 4.11 -2.25
CA LEU A 134 13.65 4.77 -2.36
C LEU A 134 12.81 4.01 -3.38
N SER A 135 11.54 3.78 -3.09
CA SER A 135 10.71 2.99 -3.99
CA SER A 135 10.71 2.99 -3.99
C SER A 135 9.70 3.84 -4.75
N LEU A 136 9.58 5.12 -4.38
CA LEU A 136 8.64 6.04 -5.04
C LEU A 136 9.27 7.39 -5.37
N ILE A 137 9.25 7.76 -6.64
CA ILE A 137 9.60 9.10 -7.10
C ILE A 137 8.35 9.82 -7.58
N VAL A 138 8.13 11.04 -7.10
CA VAL A 138 6.99 11.83 -7.54
C VAL A 138 7.53 13.05 -8.22
N MET A 139 7.29 13.14 -9.52
CA MET A 139 7.75 14.25 -10.35
C MET A 139 6.58 15.16 -10.71
N LEU A 140 6.67 16.42 -10.31
CA LEU A 140 5.58 17.33 -10.49
C LEU A 140 5.93 18.39 -11.52
N THR A 141 6.43 17.98 -12.67
CA THR A 141 6.72 18.95 -13.73
C THR A 141 6.76 18.20 -15.06
N THR A 142 6.52 18.94 -16.14
CA THR A 142 6.89 18.49 -17.48
C THR A 142 8.36 18.82 -17.73
N LEU A 143 8.96 18.23 -18.75
CA LEU A 143 10.37 18.45 -19.06
C LEU A 143 10.60 19.87 -19.55
N THR A 144 9.62 20.39 -20.29
CA THR A 144 9.71 21.75 -20.84
C THR A 144 8.35 22.43 -20.73
N GLU A 145 8.35 23.77 -20.71
CA GLU A 145 7.12 24.54 -20.67
C GLU A 145 7.32 25.81 -21.51
N ARG A 146 6.55 25.92 -22.59
CA ARG A 146 6.65 27.05 -23.53
C ARG A 146 8.09 27.52 -23.78
N GLY A 147 8.92 26.61 -24.27
CA GLY A 147 10.27 26.92 -24.76
C GLY A 147 11.42 26.86 -23.77
N ARG A 148 11.03 26.71 -22.56
CA ARG A 148 11.84 26.87 -21.33
C ARG A 148 12.18 25.52 -20.72
N THR A 149 13.40 25.11 -20.55
CA THR A 149 13.63 23.77 -19.95
C THR A 149 13.33 23.70 -18.45
N LYS A 150 12.63 22.68 -17.97
CA LYS A 150 12.29 22.60 -16.54
C LYS A 150 13.00 21.44 -15.85
N CYS A 151 13.32 20.40 -16.61
CA CYS A 151 13.92 19.20 -16.04
C CYS A 151 14.55 18.36 -17.15
N HIS A 152 15.65 17.69 -16.85
CA HIS A 152 16.28 16.79 -17.81
C HIS A 152 15.60 15.44 -17.74
N GLN A 153 15.44 14.76 -18.88
CA GLN A 153 14.86 13.43 -18.84
C GLN A 153 15.92 12.45 -18.36
N TYR A 154 15.81 12.03 -17.10
CA TYR A 154 16.81 11.20 -16.45
C TYR A 154 16.46 9.71 -16.50
N TRP A 155 15.42 9.37 -17.28
CA TRP A 155 14.99 8.00 -17.46
C TRP A 155 14.86 7.73 -18.95
N PRO A 156 14.95 6.46 -19.36
CA PRO A 156 14.87 6.22 -20.80
C PRO A 156 13.44 6.01 -21.29
N ASP A 157 13.18 6.46 -22.52
CA ASP A 157 12.02 5.99 -23.27
C ASP A 157 12.17 4.49 -23.40
N PRO A 158 11.11 3.72 -23.09
CA PRO A 158 11.21 2.29 -23.39
C PRO A 158 11.44 2.04 -24.90
N PRO A 159 12.11 0.94 -25.27
CA PRO A 159 12.78 -0.06 -24.44
C PRO A 159 14.26 0.27 -24.30
N ASP A 160 14.61 1.52 -24.59
CA ASP A 160 15.99 1.98 -24.52
C ASP A 160 16.51 1.88 -23.11
N VAL A 161 17.81 1.81 -22.96
CA VAL A 161 18.36 1.82 -21.63
C VAL A 161 19.32 2.97 -21.53
N MET A 162 19.57 3.36 -20.28
CA MET A 162 20.25 4.59 -19.96
C MET A 162 21.27 4.24 -18.91
N ASN A 163 22.41 4.93 -18.93
CA ASN A 163 23.44 4.72 -17.92
C ASN A 163 23.82 6.02 -17.26
N HIS A 164 23.68 6.07 -15.93
CA HIS A 164 24.03 7.23 -15.11
C HIS A 164 24.88 6.82 -13.92
N GLY A 165 26.12 7.30 -13.87
CA GLY A 165 27.01 7.01 -12.76
C GLY A 165 27.03 5.58 -12.24
N GLY A 166 27.24 4.61 -13.12
CA GLY A 166 27.35 3.23 -12.68
C GLY A 166 26.03 2.56 -12.38
N PHE A 167 24.93 3.26 -12.66
CA PHE A 167 23.61 2.64 -12.60
C PHE A 167 23.06 2.46 -14.01
N HIS A 168 22.44 1.32 -14.24
CA HIS A 168 21.79 1.03 -15.51
C HIS A 168 20.30 1.26 -15.27
N ILE A 169 19.67 2.19 -15.98
CA ILE A 169 18.24 2.43 -15.78
C ILE A 169 17.41 1.93 -16.94
N GLN A 170 16.40 1.12 -16.68
CA GLN A 170 15.45 0.83 -17.74
C GLN A 170 14.03 1.06 -17.30
N CYS A 171 13.21 1.42 -18.27
CA CYS A 171 11.81 1.67 -18.03
C CYS A 171 11.02 0.43 -18.41
N GLN A 172 10.44 -0.23 -17.41
CA GLN A 172 9.77 -1.51 -17.61
C GLN A 172 8.33 -1.36 -18.09
N SER A 173 7.71 -0.23 -17.76
CA SER A 173 6.34 0.04 -18.17
C SER A 173 6.07 1.54 -18.15
N GLU A 174 5.09 1.96 -18.94
CA GLU A 174 4.74 3.38 -19.10
C GLU A 174 3.26 3.47 -19.42
N ASP A 175 2.46 3.90 -18.44
CA ASP A 175 1.02 4.01 -18.60
C ASP A 175 0.58 5.44 -18.31
N CYS A 176 -0.27 6.01 -19.17
CA CYS A 176 -0.68 7.42 -19.03
C CYS A 176 -2.11 7.52 -18.55
N THR A 177 -2.40 8.58 -17.81
CA THR A 177 -3.78 8.91 -17.47
C THR A 177 -3.93 10.36 -17.87
N ILE A 178 -5.10 10.95 -17.61
CA ILE A 178 -5.32 12.31 -18.08
C ILE A 178 -4.29 13.29 -17.46
N ALA A 179 -3.92 13.09 -16.20
CA ALA A 179 -3.10 14.09 -15.49
C ALA A 179 -1.68 13.64 -15.16
N TYR A 180 -1.41 12.34 -15.27
CA TYR A 180 -0.08 11.86 -14.89
C TYR A 180 0.31 10.57 -15.60
N VAL A 181 1.62 10.36 -15.70
CA VAL A 181 2.20 9.15 -16.25
C VAL A 181 2.75 8.29 -15.13
N SER A 182 2.52 6.99 -15.22
CA SER A 182 3.05 6.06 -14.25
C SER A 182 4.09 5.15 -14.91
N ARG A 183 5.29 5.10 -14.35
CA ARG A 183 6.35 4.28 -14.92
C ARG A 183 6.99 3.38 -13.86
N GLU A 184 7.29 2.15 -14.23
CA GLU A 184 8.05 1.26 -13.36
C GLU A 184 9.49 1.26 -13.88
N MET A 185 10.43 1.55 -12.99
CA MET A 185 11.83 1.63 -13.41
CA MET A 185 11.86 1.69 -13.34
C MET A 185 12.70 0.59 -12.70
N LEU A 186 13.60 0.00 -13.48
CA LEU A 186 14.54 -0.97 -12.92
C LEU A 186 15.92 -0.34 -12.88
N VAL A 187 16.46 -0.22 -11.68
CA VAL A 187 17.78 0.34 -11.50
C VAL A 187 18.76 -0.79 -11.16
N THR A 188 19.81 -0.94 -11.96
CA THR A 188 20.81 -1.96 -11.69
C THR A 188 22.16 -1.33 -11.39
N ASN A 189 22.73 -1.69 -10.24
CA ASN A 189 24.11 -1.32 -9.93
C ASN A 189 25.02 -2.16 -10.81
N THR A 190 25.64 -1.52 -11.80
CA THR A 190 26.40 -2.26 -12.81
C THR A 190 27.65 -2.95 -12.20
N GLN A 191 28.11 -2.44 -11.06
CA GLN A 191 29.26 -3.03 -10.38
C GLN A 191 28.90 -4.40 -9.76
N THR A 192 27.71 -4.50 -9.16
CA THR A 192 27.36 -5.69 -8.40
C THR A 192 26.22 -6.54 -8.99
N GLY A 193 25.51 -6.01 -10.00
CA GLY A 193 24.35 -6.71 -10.53
C GLY A 193 23.10 -6.58 -9.67
N GLU A 194 23.23 -5.93 -8.51
CA GLU A 194 22.09 -5.73 -7.62
C GLU A 194 21.01 -4.89 -8.30
N GLU A 195 19.75 -5.29 -8.13
CA GLU A 195 18.63 -4.59 -8.76
C GLU A 195 17.70 -3.93 -7.74
N HIS A 196 17.08 -2.84 -8.18
CA HIS A 196 16.14 -2.09 -7.35
C HIS A 196 15.03 -1.55 -8.24
N THR A 197 13.76 -1.82 -7.90
CA THR A 197 12.64 -1.31 -8.69
C THR A 197 12.05 -0.04 -8.05
N VAL A 198 11.75 0.96 -8.87
CA VAL A 198 11.19 2.21 -8.35
C VAL A 198 9.94 2.54 -9.14
N THR A 199 8.89 2.94 -8.44
CA THR A 199 7.72 3.49 -9.10
C THR A 199 7.93 5.00 -9.30
N HIS A 200 7.67 5.48 -10.51
CA HIS A 200 7.90 6.86 -10.89
C HIS A 200 6.57 7.45 -11.37
N LEU A 201 6.10 8.51 -10.70
CA LEU A 201 4.86 9.15 -11.07
C LEU A 201 5.14 10.57 -11.54
N GLN A 202 4.71 10.90 -12.76
CA GLN A 202 4.93 12.23 -13.32
C GLN A 202 3.61 12.94 -13.54
N TYR A 203 3.37 13.99 -12.78
CA TYR A 203 2.15 14.76 -12.91
C TYR A 203 2.38 15.84 -13.95
N VAL A 204 1.65 15.78 -15.06
CA VAL A 204 1.96 16.64 -16.19
C VAL A 204 1.01 17.80 -16.35
N ALA A 205 -0.06 17.81 -15.57
CA ALA A 205 -1.12 18.80 -15.75
C ALA A 205 -1.06 19.86 -14.65
N TRP A 206 0.12 20.47 -14.48
CA TRP A 206 0.36 21.45 -13.41
C TRP A 206 1.49 22.39 -13.77
N PRO A 207 1.14 23.59 -14.26
CA PRO A 207 2.12 24.57 -14.74
C PRO A 207 3.01 25.10 -13.62
N ASP A 208 4.27 25.36 -13.94
CA ASP A 208 5.18 25.96 -12.98
C ASP A 208 4.60 27.29 -12.49
N HIS A 209 4.80 27.59 -11.19
CA HIS A 209 4.28 28.80 -10.53
C HIS A 209 2.76 28.86 -10.53
N GLY A 210 2.09 27.76 -10.87
CA GLY A 210 0.64 27.74 -10.96
C GLY A 210 -0.04 26.65 -10.15
N VAL A 211 -1.30 26.38 -10.46
CA VAL A 211 -2.08 25.38 -9.73
C VAL A 211 -2.40 24.22 -10.65
N PRO A 212 -2.73 23.04 -10.08
CA PRO A 212 -3.17 21.95 -10.95
C PRO A 212 -4.35 22.35 -11.86
N ASP A 213 -4.32 21.92 -13.11
CA ASP A 213 -5.39 22.20 -14.07
C ASP A 213 -6.76 21.72 -13.55
N ASP A 214 -6.77 20.62 -12.80
CA ASP A 214 -8.03 20.07 -12.27
C ASP A 214 -7.84 19.62 -10.83
N SER A 215 -8.60 20.23 -9.92
CA SER A 215 -8.46 19.91 -8.49
C SER A 215 -8.82 18.45 -8.19
N SER A 216 -9.81 17.87 -8.87
CA SER A 216 -10.17 16.47 -8.62
C SER A 216 -9.06 15.50 -9.05
N ASP A 217 -8.46 15.74 -10.20
CA ASP A 217 -7.34 14.91 -10.67
C ASP A 217 -6.18 15.01 -9.69
N PHE A 218 -5.95 16.20 -9.14
CA PHE A 218 -4.89 16.41 -8.16
C PHE A 218 -5.15 15.61 -6.90
N LEU A 219 -6.37 15.68 -6.39
CA LEU A 219 -6.71 14.96 -5.16
C LEU A 219 -6.63 13.44 -5.35
N GLU A 220 -7.06 12.95 -6.51
CA GLU A 220 -6.90 11.52 -6.83
C GLU A 220 -5.43 11.12 -6.87
N PHE A 221 -4.61 11.97 -7.44
CA PHE A 221 -3.16 11.72 -7.48
C PHE A 221 -2.55 11.65 -6.07
N VAL A 222 -2.89 12.62 -5.23
CA VAL A 222 -2.36 12.67 -3.86
C VAL A 222 -2.82 11.42 -3.11
N ASN A 223 -4.08 10.98 -3.28
CA ASN A 223 -4.52 9.75 -2.62
CA ASN A 223 -4.54 9.74 -2.65
C ASN A 223 -3.69 8.56 -3.10
N TYR A 224 -3.32 8.57 -4.37
CA TYR A 224 -2.55 7.49 -4.95
C TYR A 224 -1.12 7.48 -4.37
N VAL A 225 -0.51 8.66 -4.26
CA VAL A 225 0.81 8.78 -3.60
C VAL A 225 0.74 8.24 -2.17
N ARG A 226 -0.30 8.63 -1.43
CA ARG A 226 -0.44 8.15 -0.06
C ARG A 226 -0.54 6.62 -0.04
N SER A 227 -1.19 6.04 -1.03
CA SER A 227 -1.36 4.59 -1.05
C SER A 227 -0.02 3.86 -1.26
N LEU A 228 0.97 4.55 -1.84
CA LEU A 228 2.26 3.93 -2.17
C LEU A 228 3.33 4.18 -1.12
N ARG A 229 3.05 5.08 -0.18
CA ARG A 229 4.02 5.42 0.86
C ARG A 229 4.27 4.22 1.75
N VAL A 230 5.54 4.02 2.08
CA VAL A 230 5.97 3.01 3.04
C VAL A 230 6.44 3.70 4.31
N ASP A 231 5.89 3.31 5.47
CA ASP A 231 6.26 3.92 6.75
C ASP A 231 7.79 3.98 6.90
N SER A 232 8.26 5.11 7.41
CA SER A 232 9.69 5.35 7.67
C SER A 232 10.60 5.31 6.42
N GLU A 233 10.01 5.31 5.22
CA GLU A 233 10.78 5.44 4.00
C GLU A 233 10.42 6.75 3.28
N PRO A 234 11.42 7.58 2.95
CA PRO A 234 11.08 8.87 2.34
C PRO A 234 10.53 8.70 0.94
N VAL A 235 9.56 9.54 0.60
CA VAL A 235 9.13 9.68 -0.78
C VAL A 235 9.97 10.77 -1.41
N LEU A 236 10.57 10.49 -2.57
CA LEU A 236 11.32 11.52 -3.29
C LEU A 236 10.32 12.34 -4.08
N VAL A 237 10.24 13.64 -3.80
CA VAL A 237 9.33 14.50 -4.54
C VAL A 237 10.15 15.57 -5.24
N HIS A 238 9.95 15.76 -6.54
CA HIS A 238 10.61 16.88 -7.17
C HIS A 238 9.72 17.58 -8.17
N SER A 239 10.09 18.83 -8.44
CA SER A 239 9.45 19.60 -9.50
C SER A 239 10.57 20.16 -10.39
N SER A 240 10.53 21.43 -10.73
CA SER A 240 11.67 22.02 -11.46
C SER A 240 12.66 22.58 -10.45
N ALA A 241 12.17 23.50 -9.63
CA ALA A 241 12.98 24.05 -8.54
C ALA A 241 12.89 23.19 -7.28
N GLY A 242 11.90 22.32 -7.21
CA GLY A 242 11.70 21.50 -6.02
C GLY A 242 11.17 22.26 -4.80
N ILE A 243 10.41 23.33 -5.04
CA ILE A 243 9.85 24.10 -3.93
C ILE A 243 8.35 24.42 -4.06
N GLY A 244 7.89 24.75 -5.26
CA GLY A 244 6.56 25.35 -5.40
C GLY A 244 5.49 24.28 -5.41
N ARG A 245 5.48 23.52 -6.49
CA ARG A 245 4.57 22.40 -6.61
C ARG A 245 4.87 21.32 -5.57
N THR A 246 6.15 21.15 -5.24
CA THR A 246 6.54 20.20 -4.20
C THR A 246 5.90 20.59 -2.86
N GLY A 247 5.97 21.87 -2.49
CA GLY A 247 5.36 22.33 -1.25
C GLY A 247 3.87 22.09 -1.21
N VAL A 248 3.18 22.32 -2.32
CA VAL A 248 1.73 22.11 -2.34
C VAL A 248 1.36 20.65 -2.06
N LEU A 249 2.08 19.73 -2.68
CA LEU A 249 1.83 18.30 -2.52
C LEU A 249 2.06 17.89 -1.07
N VAL A 250 3.18 18.32 -0.50
CA VAL A 250 3.48 17.99 0.91
C VAL A 250 2.42 18.55 1.86
N THR A 251 1.99 19.78 1.58
CA THR A 251 0.98 20.39 2.41
C THR A 251 -0.32 19.58 2.34
N MET A 252 -0.68 19.16 1.13
CA MET A 252 -1.95 18.40 0.95
C MET A 252 -1.89 17.03 1.64
N GLU A 253 -0.78 16.33 1.47
CA GLU A 253 -0.66 15.02 2.12
C GLU A 253 -0.73 15.16 3.64
N THR A 254 -0.04 16.17 4.18
CA THR A 254 -0.09 16.44 5.61
C THR A 254 -1.52 16.69 6.07
N ALA A 255 -2.22 17.57 5.39
CA ALA A 255 -3.60 17.87 5.78
C ALA A 255 -4.50 16.64 5.69
N MET A 256 -4.28 15.78 4.71
CA MET A 256 -5.09 14.56 4.60
C MET A 256 -4.90 13.62 5.79
N CYS A 257 -3.68 13.57 6.30
CA CYS A 257 -3.40 12.76 7.48
C CYS A 257 -4.08 13.36 8.71
N LEU A 258 -4.07 14.68 8.81
CA LEU A 258 -4.68 15.34 9.95
C LEU A 258 -6.21 15.22 9.94
N THR A 259 -6.81 15.38 8.76
CA THR A 259 -8.26 15.37 8.69
C THR A 259 -8.82 14.00 9.12
N GLU A 260 -8.21 12.90 8.65
CA GLU A 260 -8.59 11.52 9.00
C GLU A 260 -8.48 11.25 10.48
N ARG A 261 -7.64 12.02 11.17
CA ARG A 261 -7.37 11.81 12.58
C ARG A 261 -8.08 12.79 13.49
N ASN A 262 -8.97 13.61 12.91
CA ASN A 262 -9.73 14.62 13.63
C ASN A 262 -8.79 15.57 14.38
N LEU A 263 -7.69 15.95 13.72
CA LEU A 263 -6.69 16.89 14.27
C LEU A 263 -6.78 18.24 13.55
N PRO A 264 -6.59 19.35 14.27
CA PRO A 264 -6.78 20.65 13.61
C PRO A 264 -5.69 20.92 12.57
N ILE A 265 -6.03 21.70 11.55
CA ILE A 265 -5.14 21.98 10.42
C ILE A 265 -4.91 23.49 10.30
N TYR A 266 -3.65 23.89 10.39
CA TYR A 266 -3.26 25.30 10.25
C TYR A 266 -2.23 25.38 9.14
N PRO A 267 -2.70 25.59 7.89
CA PRO A 267 -1.75 25.52 6.75
C PRO A 267 -0.57 26.46 6.85
N LEU A 268 -0.72 27.62 7.49
CA LEU A 268 0.42 28.52 7.67
C LEU A 268 1.55 27.85 8.49
N ASP A 269 1.14 27.08 9.49
CA ASP A 269 2.11 26.40 10.32
C ASP A 269 2.74 25.21 9.58
N ILE A 270 1.95 24.56 8.73
CA ILE A 270 2.49 23.49 7.88
C ILE A 270 3.53 24.06 6.91
N VAL A 271 3.21 25.19 6.27
CA VAL A 271 4.19 25.83 5.37
C VAL A 271 5.48 26.24 6.11
N ARG A 272 5.34 26.88 7.27
CA ARG A 272 6.51 27.27 8.07
C ARG A 272 7.37 26.06 8.41
N LYS A 273 6.76 24.97 8.83
CA LYS A 273 7.49 23.77 9.19
C LYS A 273 8.22 23.14 7.99
N MET A 274 7.62 23.20 6.80
CA MET A 274 8.35 22.83 5.59
C MET A 274 9.51 23.77 5.33
N ARG A 275 9.28 25.08 5.45
CA ARG A 275 10.31 26.06 5.07
C ARG A 275 11.49 26.04 6.01
N ASP A 276 11.29 25.52 7.23
CA ASP A 276 12.43 25.34 8.12
C ASP A 276 13.32 24.18 7.68
N GLN A 277 12.89 23.42 6.68
CA GLN A 277 13.68 22.29 6.18
C GLN A 277 14.16 22.47 4.74
N ARG A 278 13.40 23.22 3.95
CA ARG A 278 13.83 23.60 2.61
C ARG A 278 13.16 24.93 2.32
N ALA A 279 13.95 25.94 2.00
CA ALA A 279 13.42 27.29 1.88
C ALA A 279 12.43 27.40 0.71
N MET A 280 11.49 28.33 0.86
CA MET A 280 10.58 28.81 -0.21
C MET A 280 9.48 27.83 -0.63
N MET A 281 9.29 26.73 0.09
CA MET A 281 8.26 25.77 -0.31
CA MET A 281 8.23 25.75 -0.21
C MET A 281 6.86 26.41 -0.29
N VAL A 282 6.10 26.11 -1.34
CA VAL A 282 4.84 26.80 -1.72
C VAL A 282 5.19 28.22 -2.19
N GLN A 283 5.18 28.40 -3.50
CA GLN A 283 5.79 29.58 -4.08
C GLN A 283 4.86 30.80 -4.09
N THR A 284 3.59 30.58 -4.41
CA THR A 284 2.69 31.70 -4.68
C THR A 284 1.45 31.67 -3.79
N SER A 285 0.88 32.86 -3.56
CA SER A 285 -0.36 32.98 -2.79
CA SER A 285 -0.37 33.02 -2.82
C SER A 285 -1.51 32.23 -3.44
N SER A 286 -1.47 32.15 -4.77
CA SER A 286 -2.45 31.38 -5.53
C SER A 286 -2.28 29.86 -5.30
N GLN A 287 -1.05 29.40 -5.19
CA GLN A 287 -0.82 28.00 -4.80
C GLN A 287 -1.32 27.75 -3.39
N TYR A 288 -1.01 28.66 -2.47
CA TYR A 288 -1.50 28.53 -1.11
C TYR A 288 -3.04 28.56 -1.09
N LYS A 289 -3.64 29.48 -1.83
CA LYS A 289 -5.11 29.55 -1.87
C LYS A 289 -5.72 28.23 -2.35
N PHE A 290 -5.11 27.68 -3.41
CA PHE A 290 -5.59 26.42 -3.98
C PHE A 290 -5.56 25.26 -2.96
N VAL A 291 -4.45 25.16 -2.24
CA VAL A 291 -4.26 24.06 -1.32
C VAL A 291 -5.21 24.24 -0.13
N CYS A 292 -5.45 25.48 0.31
CA CYS A 292 -6.42 25.69 1.40
C CYS A 292 -7.83 25.30 1.00
N GLU A 293 -8.23 25.68 -0.21
CA GLU A 293 -9.55 25.30 -0.71
C GLU A 293 -9.66 23.79 -0.85
N ALA A 294 -8.59 23.13 -1.29
CA ALA A 294 -8.63 21.69 -1.42
C ALA A 294 -8.70 21.01 -0.06
N ILE A 295 -8.10 21.62 0.95
CA ILE A 295 -8.16 21.09 2.33
C ILE A 295 -9.58 21.14 2.83
N LEU A 296 -10.25 22.27 2.62
CA LEU A 296 -11.65 22.41 3.03
C LEU A 296 -12.52 21.34 2.32
N ARG A 297 -12.30 21.16 1.03
CA ARG A 297 -12.98 20.12 0.26
C ARG A 297 -12.78 18.71 0.86
N VAL A 298 -11.54 18.33 1.16
CA VAL A 298 -11.34 16.97 1.68
C VAL A 298 -11.86 16.81 3.10
N TYR A 299 -11.86 17.90 3.86
CA TYR A 299 -12.46 17.86 5.18
C TYR A 299 -13.96 17.54 5.05
N GLU A 300 -14.63 18.27 4.15
CA GLU A 300 -16.07 18.14 3.98
C GLU A 300 -16.44 16.75 3.47
N GLU A 301 -15.64 16.21 2.57
CA GLU A 301 -15.89 14.85 2.07
C GLU A 301 -15.62 13.81 3.14
N GLY A 302 -14.69 14.10 4.03
CA GLY A 302 -14.32 13.17 5.09
C GLY A 302 -15.46 13.01 6.07
N LEU A 303 -16.24 14.08 6.26
CA LEU A 303 -17.41 14.08 7.11
C LEU A 303 -18.57 13.27 6.51
N VAL A 304 -18.63 13.20 5.18
CA VAL A 304 -19.63 12.38 4.53
C VAL A 304 -19.12 10.93 4.56
N GLN A 305 -17.82 10.80 4.87
CA GLN A 305 -16.99 9.60 4.70
C GLN A 305 -16.79 9.23 3.23
N ASN B 23 -30.21 -29.07 -3.82
CA ASN B 23 -31.56 -28.58 -3.52
C ASN B 23 -32.13 -27.70 -4.65
N ALA B 24 -31.47 -26.61 -5.03
CA ALA B 24 -31.98 -25.81 -6.18
C ALA B 24 -31.79 -26.58 -7.47
N ASP B 25 -30.74 -27.38 -7.50
CA ASP B 25 -30.41 -28.23 -8.64
C ASP B 25 -29.50 -29.33 -8.11
N THR B 26 -29.23 -30.31 -8.94
CA THR B 26 -28.22 -31.30 -8.61
C THR B 26 -26.85 -30.64 -8.82
N LEU B 27 -25.80 -31.25 -8.29
CA LEU B 27 -24.45 -30.78 -8.61
C LEU B 27 -24.22 -30.78 -10.13
N GLU B 28 -24.63 -31.85 -10.80
CA GLU B 28 -24.47 -31.95 -12.25
C GLU B 28 -25.10 -30.75 -12.97
N GLY B 29 -26.31 -30.40 -12.55
CA GLY B 29 -27.00 -29.26 -13.11
C GLY B 29 -26.34 -27.92 -12.82
N SER B 30 -25.80 -27.74 -11.62
CA SER B 30 -25.13 -26.48 -11.31
C SER B 30 -23.85 -26.36 -12.12
N MET B 31 -23.23 -27.50 -12.43
CA MET B 31 -22.00 -27.44 -13.23
C MET B 31 -22.28 -27.19 -14.69
N ALA B 32 -23.37 -27.75 -15.22
CA ALA B 32 -23.80 -27.38 -16.58
C ALA B 32 -24.06 -25.88 -16.67
N GLN B 33 -24.77 -25.35 -15.66
CA GLN B 33 -25.06 -23.92 -15.63
C GLN B 33 -23.77 -23.07 -15.61
N LEU B 34 -22.83 -23.45 -14.74
CA LEU B 34 -21.54 -22.74 -14.64
C LEU B 34 -20.79 -22.74 -15.98
N LYS B 35 -20.66 -23.92 -16.58
CA LYS B 35 -19.95 -24.06 -17.86
C LYS B 35 -20.59 -23.17 -18.94
N LYS B 36 -21.91 -23.27 -19.08
CA LYS B 36 -22.67 -22.44 -20.02
C LYS B 36 -22.43 -20.95 -19.73
N GLY B 37 -22.46 -20.55 -18.47
CA GLY B 37 -22.32 -19.15 -18.12
C GLY B 37 -20.91 -18.61 -18.31
N LEU B 38 -19.91 -19.47 -18.16
CA LEU B 38 -18.54 -19.08 -18.49
C LEU B 38 -18.41 -18.80 -19.99
N GLU B 39 -19.03 -19.66 -20.79
CA GLU B 39 -18.99 -19.48 -22.24
C GLU B 39 -19.74 -18.20 -22.69
N SER B 40 -20.85 -17.84 -22.03
CA SER B 40 -21.76 -16.86 -22.63
C SER B 40 -21.44 -15.32 -22.66
N GLY B 41 -20.81 -14.65 -21.69
CA GLY B 41 -20.39 -15.09 -20.38
C GLY B 41 -21.09 -14.41 -19.20
N THR B 42 -22.31 -14.88 -18.94
CA THR B 42 -23.18 -14.34 -17.93
C THR B 42 -22.64 -14.51 -16.50
N VAL B 43 -21.80 -15.53 -16.29
CA VAL B 43 -21.23 -15.77 -14.96
C VAL B 43 -20.39 -14.57 -14.53
N LEU B 44 -19.55 -14.04 -15.43
CA LEU B 44 -18.73 -12.89 -15.08
C LEU B 44 -19.53 -11.58 -14.92
N ILE B 45 -20.60 -11.42 -15.69
CA ILE B 45 -21.47 -10.26 -15.50
C ILE B 45 -22.02 -10.21 -14.08
N GLN B 46 -22.57 -11.33 -13.62
CA GLN B 46 -23.14 -11.35 -12.29
C GLN B 46 -22.13 -11.05 -11.20
N PHE B 47 -20.90 -11.54 -11.38
CA PHE B 47 -19.84 -11.26 -10.41
C PHE B 47 -19.58 -9.77 -10.29
N GLU B 48 -19.47 -9.10 -11.43
CA GLU B 48 -19.14 -7.68 -11.45
C GLU B 48 -20.24 -6.83 -10.83
N GLN B 49 -21.47 -7.35 -10.80
CA GLN B 49 -22.56 -6.56 -10.22
CA GLN B 49 -22.58 -6.59 -10.22
C GLN B 49 -22.79 -6.90 -8.74
N LEU B 50 -22.11 -7.93 -8.22
CA LEU B 50 -22.26 -8.26 -6.79
C LEU B 50 -21.65 -7.16 -5.90
N TYR B 51 -22.30 -6.81 -4.80
CA TYR B 51 -21.71 -5.80 -3.91
C TYR B 51 -20.34 -6.26 -3.38
N ARG B 52 -19.44 -5.32 -3.18
CA ARG B 52 -18.14 -5.63 -2.60
C ARG B 52 -18.20 -5.60 -1.08
N LYS B 53 -18.95 -4.64 -0.53
CA LYS B 53 -19.21 -4.52 0.91
C LYS B 53 -20.69 -4.69 1.19
N LYS B 54 -21.03 -5.49 2.19
CA LYS B 54 -22.44 -5.66 2.55
C LYS B 54 -22.96 -4.35 3.12
N PRO B 55 -23.96 -3.76 2.44
CA PRO B 55 -24.52 -2.51 2.94
C PRO B 55 -25.24 -2.85 4.24
N GLY B 56 -25.03 -2.07 5.27
CA GLY B 56 -25.73 -2.38 6.50
C GLY B 56 -24.83 -2.94 7.58
N LEU B 57 -23.60 -3.32 7.22
CA LEU B 57 -22.64 -3.73 8.25
C LEU B 57 -21.70 -2.57 8.55
N ALA B 58 -21.63 -2.17 9.81
CA ALA B 58 -20.85 -0.98 10.17
C ALA B 58 -19.34 -1.25 10.08
N ILE B 59 -18.61 -0.24 9.64
CA ILE B 59 -17.16 -0.24 9.70
C ILE B 59 -16.79 1.06 10.42
N THR B 60 -16.50 0.96 11.71
CA THR B 60 -16.21 2.14 12.50
C THR B 60 -14.86 1.99 13.20
N PHE B 61 -14.65 0.89 13.93
CA PHE B 61 -13.39 0.72 14.67
C PHE B 61 -12.15 0.79 13.77
N ALA B 62 -12.24 0.18 12.59
CA ALA B 62 -11.12 0.22 11.63
C ALA B 62 -10.71 1.65 11.27
N LYS B 63 -11.62 2.60 11.38
CA LYS B 63 -11.35 3.99 10.95
C LYS B 63 -11.02 4.95 12.10
N LEU B 64 -11.02 4.46 13.33
CA LEU B 64 -10.62 5.28 14.46
C LEU B 64 -9.21 5.80 14.24
N PRO B 65 -8.94 7.04 14.64
CA PRO B 65 -7.61 7.64 14.46
C PRO B 65 -6.48 6.74 14.95
N GLN B 66 -6.65 6.10 16.10
CA GLN B 66 -5.58 5.27 16.63
C GLN B 66 -5.40 3.94 15.88
N ASN B 67 -6.35 3.57 15.03
CA ASN B 67 -6.24 2.31 14.30
C ASN B 67 -5.82 2.46 12.83
N LEU B 68 -5.80 3.70 12.33
CA LEU B 68 -5.50 3.94 10.92
C LEU B 68 -4.19 3.34 10.43
N ASP B 69 -3.14 3.43 11.25
CA ASP B 69 -1.83 2.96 10.82
C ASP B 69 -1.69 1.45 10.98
N LYS B 70 -2.73 0.80 11.50
CA LYS B 70 -2.77 -0.67 11.59
C LYS B 70 -3.41 -1.31 10.38
N ASN B 71 -3.83 -0.48 9.42
CA ASN B 71 -4.37 -0.97 8.17
C ASN B 71 -3.33 -0.83 7.07
N ARG B 72 -3.04 -1.93 6.37
CA ARG B 72 -2.07 -1.87 5.27
C ARG B 72 -2.61 -1.07 4.09
N TYR B 73 -3.91 -1.22 3.83
CA TYR B 73 -4.60 -0.53 2.74
C TYR B 73 -5.74 0.26 3.32
N LYS B 74 -5.87 1.51 2.89
CA LYS B 74 -6.80 2.43 3.53
C LYS B 74 -8.25 1.99 3.48
N ASP B 75 -8.66 1.38 2.36
CA ASP B 75 -10.06 0.98 2.18
C ASP B 75 -10.34 -0.52 2.28
N VAL B 76 -9.36 -1.30 2.72
CA VAL B 76 -9.58 -2.72 2.99
C VAL B 76 -9.68 -2.92 4.48
N LEU B 77 -10.91 -2.95 4.97
CA LEU B 77 -11.22 -2.82 6.39
C LEU B 77 -12.20 -3.89 6.87
N PRO B 78 -12.01 -4.41 8.10
CA PRO B 78 -12.93 -5.39 8.68
C PRO B 78 -14.26 -4.77 9.13
N TYR B 79 -15.35 -5.53 9.03
CA TYR B 79 -16.60 -5.11 9.67
C TYR B 79 -16.50 -5.14 11.20
N ASP B 80 -17.18 -4.22 11.89
CA ASP B 80 -17.18 -4.26 13.35
C ASP B 80 -17.61 -5.61 13.88
N THR B 81 -18.63 -6.20 13.26
CA THR B 81 -19.27 -7.38 13.84
C THR B 81 -18.40 -8.62 13.77
N THR B 82 -17.57 -8.73 12.73
CA THR B 82 -16.81 -9.96 12.50
C THR B 82 -15.31 -9.79 12.68
N ARG B 83 -14.86 -8.64 13.19
CA ARG B 83 -13.42 -8.41 13.32
C ARG B 83 -12.87 -9.23 14.48
N VAL B 84 -11.62 -9.62 14.38
CA VAL B 84 -10.97 -10.35 15.45
C VAL B 84 -10.61 -9.36 16.56
N LEU B 85 -11.02 -9.65 17.79
CA LEU B 85 -10.69 -8.77 18.92
C LEU B 85 -9.40 -9.19 19.63
N LEU B 86 -8.52 -8.24 19.92
CA LEU B 86 -7.38 -8.50 20.78
C LEU B 86 -7.74 -8.12 22.22
N GLN B 87 -7.02 -8.63 23.21
CA GLN B 87 -7.28 -8.29 24.60
CA GLN B 87 -7.36 -8.25 24.57
C GLN B 87 -6.72 -6.91 24.93
N GLY B 88 -7.39 -6.16 25.80
CA GLY B 88 -6.94 -4.83 26.18
C GLY B 88 -7.70 -3.69 25.52
N ASN B 89 -7.32 -2.46 25.85
CA ASN B 89 -7.84 -1.24 25.22
C ASN B 89 -7.51 -1.16 23.73
N GLU B 90 -6.30 -1.58 23.38
CA GLU B 90 -5.90 -1.60 21.98
C GLU B 90 -6.32 -2.93 21.36
N ASP B 91 -7.62 -3.03 21.05
CA ASP B 91 -8.22 -4.31 20.68
C ASP B 91 -8.18 -4.59 19.19
N TYR B 92 -7.59 -3.67 18.40
CA TYR B 92 -7.82 -3.74 16.95
C TYR B 92 -6.72 -4.42 16.15
N ILE B 93 -7.13 -5.33 15.27
CA ILE B 93 -6.27 -5.88 14.24
C ILE B 93 -7.11 -5.99 12.97
N ASN B 94 -6.50 -5.81 11.81
CA ASN B 94 -7.23 -5.94 10.55
C ASN B 94 -7.33 -7.42 10.20
N ALA B 95 -8.37 -8.06 10.75
CA ALA B 95 -8.56 -9.49 10.63
C ALA B 95 -10.01 -9.77 10.89
N SER B 96 -10.57 -10.74 10.16
CA SER B 96 -12.00 -11.07 10.21
C SER B 96 -12.23 -12.56 10.40
N TYR B 97 -13.24 -12.92 11.19
CA TYR B 97 -13.71 -14.31 11.19
C TYR B 97 -14.50 -14.56 9.92
N VAL B 98 -14.19 -15.64 9.22
CA VAL B 98 -14.91 -16.00 8.01
C VAL B 98 -15.21 -17.48 8.09
N ASN B 99 -16.48 -17.82 8.24
CA ASN B 99 -16.88 -19.21 8.47
C ASN B 99 -17.76 -19.66 7.33
N MET B 100 -17.38 -20.74 6.67
CA MET B 100 -18.11 -21.19 5.49
C MET B 100 -18.88 -22.46 5.81
N GLU B 101 -20.20 -22.36 5.72
CA GLU B 101 -21.10 -23.43 6.11
C GLU B 101 -21.50 -24.30 4.94
N ILE B 102 -21.52 -25.59 5.21
CA ILE B 102 -22.05 -26.59 4.31
C ILE B 102 -23.18 -27.21 5.09
N PRO B 103 -24.34 -26.51 5.15
CA PRO B 103 -25.39 -26.94 6.09
C PRO B 103 -25.91 -28.36 5.78
N ALA B 104 -25.89 -28.76 4.53
CA ALA B 104 -26.34 -30.10 4.16
C ALA B 104 -25.25 -31.15 4.44
N ALA B 105 -24.34 -30.84 5.35
CA ALA B 105 -23.27 -31.75 5.72
C ALA B 105 -22.89 -31.60 7.18
N ASN B 106 -23.61 -30.75 7.90
CA ASN B 106 -23.32 -30.49 9.31
C ASN B 106 -21.84 -30.04 9.45
N LEU B 107 -21.41 -29.17 8.54
CA LEU B 107 -19.99 -28.85 8.39
C LEU B 107 -19.75 -27.34 8.32
N VAL B 108 -18.80 -26.84 9.11
CA VAL B 108 -18.40 -25.44 9.03
C VAL B 108 -16.89 -25.35 8.89
N ASN B 109 -16.45 -24.77 7.77
CA ASN B 109 -15.02 -24.50 7.62
C ASN B 109 -14.72 -23.11 8.15
N LYS B 110 -13.93 -23.06 9.21
CA LYS B 110 -13.59 -21.79 9.85
C LYS B 110 -12.27 -21.22 9.37
N TYR B 111 -12.24 -19.89 9.22
CA TYR B 111 -11.04 -19.17 8.84
C TYR B 111 -10.92 -17.90 9.68
N ILE B 112 -9.68 -17.43 9.83
CA ILE B 112 -9.43 -16.02 10.12
C ILE B 112 -8.71 -15.48 8.89
N ALA B 113 -9.31 -14.48 8.26
CA ALA B 113 -8.75 -13.84 7.08
C ALA B 113 -8.15 -12.49 7.48
N THR B 114 -6.89 -12.26 7.13
CA THR B 114 -6.24 -11.05 7.61
C THR B 114 -5.26 -10.53 6.55
N GLN B 115 -4.82 -9.29 6.74
CA GLN B 115 -3.85 -8.68 5.83
C GLN B 115 -2.46 -9.20 6.17
N GLY B 116 -1.49 -8.92 5.30
CA GLY B 116 -0.11 -9.18 5.64
C GLY B 116 0.33 -8.20 6.70
N PRO B 117 0.90 -8.70 7.80
CA PRO B 117 1.33 -7.86 8.92
C PRO B 117 2.27 -6.74 8.54
N LEU B 118 2.13 -5.62 9.24
CA LEU B 118 2.99 -4.44 9.09
C LEU B 118 4.11 -4.56 10.14
N PRO B 119 5.20 -3.78 10.00
CA PRO B 119 6.24 -3.90 11.04
C PRO B 119 5.68 -3.77 12.47
N HIS B 120 4.78 -2.83 12.67
CA HIS B 120 4.23 -2.59 14.00
C HIS B 120 2.97 -3.40 14.37
N THR B 121 2.53 -4.33 13.52
CA THR B 121 1.37 -5.15 13.89
C THR B 121 1.73 -6.62 14.01
N CYS B 122 3.03 -6.92 13.83
CA CYS B 122 3.51 -8.29 14.00
C CYS B 122 3.19 -8.87 15.38
N ALA B 123 3.37 -8.07 16.41
CA ALA B 123 3.00 -8.48 17.78
C ALA B 123 1.54 -8.89 17.89
N GLN B 124 0.66 -8.11 17.27
CA GLN B 124 -0.77 -8.39 17.34
C GLN B 124 -1.13 -9.65 16.54
N PHE B 125 -0.51 -9.81 15.38
CA PHE B 125 -0.68 -11.01 14.57
C PHE B 125 -0.36 -12.26 15.38
N TRP B 126 0.81 -12.28 16.03
CA TRP B 126 1.20 -13.46 16.80
C TRP B 126 0.31 -13.64 18.05
N GLN B 127 -0.23 -12.55 18.58
CA GLN B 127 -1.14 -12.64 19.72
CA GLN B 127 -1.14 -12.64 19.72
C GLN B 127 -2.41 -13.40 19.33
N VAL B 128 -2.93 -13.12 18.14
CA VAL B 128 -4.10 -13.82 17.63
C VAL B 128 -3.79 -15.32 17.46
N VAL B 129 -2.63 -15.61 16.87
CA VAL B 129 -2.22 -17.01 16.69
C VAL B 129 -2.16 -17.73 18.04
N TRP B 130 -1.56 -17.07 19.03
CA TRP B 130 -1.42 -17.66 20.35
C TRP B 130 -2.75 -17.82 21.09
N ASP B 131 -3.58 -16.78 21.06
CA ASP B 131 -4.86 -16.76 21.79
C ASP B 131 -5.77 -17.90 21.37
N GLN B 132 -5.72 -18.25 20.09
CA GLN B 132 -6.63 -19.26 19.59
C GLN B 132 -5.88 -20.56 19.34
N LYS B 133 -4.59 -20.58 19.70
CA LYS B 133 -3.68 -21.69 19.41
C LYS B 133 -3.93 -22.20 17.99
N LEU B 134 -3.87 -21.29 17.02
CA LEU B 134 -3.96 -21.64 15.60
C LEU B 134 -2.76 -22.47 15.22
N SER B 135 -2.98 -23.60 14.57
CA SER B 135 -1.87 -24.48 14.24
CA SER B 135 -1.90 -24.51 14.22
C SER B 135 -1.46 -24.36 12.77
N LEU B 136 -2.22 -23.61 11.99
CA LEU B 136 -1.93 -23.50 10.54
C LEU B 136 -2.10 -22.07 10.04
N ILE B 137 -1.05 -21.56 9.41
CA ILE B 137 -1.06 -20.25 8.79
C ILE B 137 -0.84 -20.47 7.29
N VAL B 138 -1.74 -19.94 6.47
CA VAL B 138 -1.58 -19.98 5.02
C VAL B 138 -1.36 -18.56 4.50
N MET B 139 -0.19 -18.33 3.92
CA MET B 139 0.26 -17.02 3.48
C MET B 139 0.31 -17.02 1.95
N LEU B 140 -0.53 -16.20 1.32
CA LEU B 140 -0.68 -16.24 -0.12
C LEU B 140 -0.09 -14.98 -0.75
N THR B 141 1.18 -14.71 -0.46
CA THR B 141 1.84 -13.55 -1.05
C THR B 141 3.35 -13.73 -0.81
N THR B 142 4.12 -13.14 -1.72
CA THR B 142 5.54 -12.90 -1.48
C THR B 142 5.66 -11.63 -0.64
N LEU B 143 6.83 -11.38 -0.07
CA LEU B 143 7.01 -10.19 0.77
C LEU B 143 6.98 -8.90 -0.07
N THR B 144 7.51 -9.00 -1.28
CA THR B 144 7.52 -7.86 -2.17
C THR B 144 7.23 -8.31 -3.59
N GLU B 145 6.78 -7.36 -4.41
CA GLU B 145 6.40 -7.67 -5.77
C GLU B 145 6.57 -6.41 -6.60
N ARG B 146 7.51 -6.43 -7.54
CA ARG B 146 7.74 -5.29 -8.45
C ARG B 146 7.92 -3.94 -7.74
N GLY B 147 8.74 -3.91 -6.70
CA GLY B 147 9.02 -2.66 -6.00
C GLY B 147 7.97 -2.24 -4.98
N ARG B 148 6.84 -2.95 -4.94
CA ARG B 148 5.79 -2.71 -3.94
C ARG B 148 5.93 -3.68 -2.77
N THR B 149 5.93 -3.15 -1.56
CA THR B 149 5.99 -4.02 -0.40
C THR B 149 4.60 -4.61 -0.17
N LYS B 150 4.53 -5.93 0.02
CA LYS B 150 3.24 -6.64 0.21
C LYS B 150 3.01 -7.16 1.64
N CYS B 151 4.08 -7.48 2.35
CA CYS B 151 3.97 -8.05 3.69
C CYS B 151 5.30 -7.93 4.44
N HIS B 152 5.24 -7.72 5.74
CA HIS B 152 6.47 -7.70 6.53
C HIS B 152 6.91 -9.13 6.83
N GLN B 153 8.22 -9.42 6.85
CA GLN B 153 8.60 -10.76 7.29
C GLN B 153 8.45 -10.88 8.82
N TYR B 154 7.39 -11.56 9.27
CA TYR B 154 7.06 -11.64 10.70
C TYR B 154 7.64 -12.89 11.35
N TRP B 155 8.49 -13.60 10.60
CA TRP B 155 9.16 -14.78 11.14
C TRP B 155 10.67 -14.68 10.88
N PRO B 156 11.49 -15.39 11.67
CA PRO B 156 12.94 -15.30 11.44
C PRO B 156 13.46 -16.28 10.41
N ASP B 157 14.50 -15.88 9.69
CA ASP B 157 15.27 -16.84 8.91
C ASP B 157 15.96 -17.75 9.91
N PRO B 158 15.90 -19.08 9.68
CA PRO B 158 16.65 -19.98 10.57
C PRO B 158 18.13 -19.61 10.58
N PRO B 159 18.81 -19.74 11.72
CA PRO B 159 18.30 -20.21 13.01
C PRO B 159 17.90 -19.06 13.92
N ASP B 160 17.92 -17.83 13.38
CA ASP B 160 17.63 -16.63 14.14
C ASP B 160 16.39 -16.77 15.03
N VAL B 161 16.39 -16.02 16.12
CA VAL B 161 15.19 -15.86 16.92
C VAL B 161 14.65 -14.44 16.74
N MET B 162 13.34 -14.31 16.88
CA MET B 162 12.64 -13.05 16.71
C MET B 162 11.75 -12.85 17.93
N ASN B 163 11.70 -11.64 18.47
CA ASN B 163 10.72 -11.34 19.53
C ASN B 163 9.66 -10.39 19.02
N HIS B 164 8.41 -10.80 19.18
CA HIS B 164 7.27 -9.97 18.84
C HIS B 164 6.29 -9.98 19.99
N GLY B 165 6.14 -8.82 20.64
CA GLY B 165 5.16 -8.63 21.70
C GLY B 165 5.12 -9.68 22.81
N GLY B 166 6.28 -10.06 23.33
CA GLY B 166 6.30 -11.04 24.41
C GLY B 166 6.33 -12.48 23.93
N PHE B 167 6.31 -12.67 22.61
CA PHE B 167 6.49 -14.00 22.05
C PHE B 167 7.87 -14.13 21.46
N HIS B 168 8.40 -15.34 21.60
CA HIS B 168 9.70 -15.79 21.13
C HIS B 168 9.37 -16.65 19.91
N ILE B 169 9.84 -16.28 18.72
CA ILE B 169 9.52 -17.11 17.53
C ILE B 169 10.78 -17.66 16.85
N GLN B 170 10.83 -18.99 16.69
CA GLN B 170 11.92 -19.65 15.97
C GLN B 170 11.40 -20.47 14.80
N CYS B 171 12.11 -20.40 13.68
CA CYS B 171 11.78 -21.24 12.54
C CYS B 171 12.57 -22.54 12.59
N GLN B 172 11.88 -23.65 12.83
CA GLN B 172 12.52 -24.94 13.07
C GLN B 172 12.88 -25.69 11.79
N SER B 173 12.26 -25.31 10.68
CA SER B 173 12.53 -25.99 9.41
C SER B 173 11.96 -25.17 8.27
N GLU B 174 12.53 -25.35 7.10
CA GLU B 174 12.15 -24.55 5.93
C GLU B 174 12.43 -25.41 4.70
N ASP B 175 11.38 -25.77 3.98
CA ASP B 175 11.50 -26.65 2.81
C ASP B 175 10.64 -26.12 1.67
N CYS B 176 11.25 -25.99 0.50
CA CYS B 176 10.59 -25.40 -0.66
C CYS B 176 10.12 -26.42 -1.67
N THR B 177 9.04 -26.03 -2.36
CA THR B 177 8.59 -26.72 -3.55
C THR B 177 8.50 -25.68 -4.63
N ILE B 178 8.10 -26.10 -5.82
CA ILE B 178 8.06 -25.16 -6.94
C ILE B 178 7.16 -23.95 -6.65
N ALA B 179 6.05 -24.17 -5.93
CA ALA B 179 5.04 -23.11 -5.76
C ALA B 179 4.91 -22.57 -4.33
N TYR B 180 5.41 -23.30 -3.34
CA TYR B 180 5.24 -22.84 -1.96
C TYR B 180 6.35 -23.29 -1.03
N VAL B 181 6.47 -22.61 0.11
CA VAL B 181 7.48 -22.91 1.12
C VAL B 181 6.74 -23.40 2.35
N SER B 182 7.22 -24.48 2.97
CA SER B 182 6.68 -24.96 4.25
C SER B 182 7.65 -24.68 5.35
N ARG B 183 7.15 -24.08 6.43
CA ARG B 183 7.99 -23.77 7.59
C ARG B 183 7.32 -24.27 8.87
N GLU B 184 8.13 -24.83 9.76
CA GLU B 184 7.63 -25.19 11.10
C GLU B 184 8.06 -24.06 12.02
N MET B 185 7.10 -23.46 12.73
CA MET B 185 7.45 -22.37 13.65
CA MET B 185 7.38 -22.34 13.64
C MET B 185 7.14 -22.73 15.08
N LEU B 186 8.09 -22.44 15.94
CA LEU B 186 7.91 -22.66 17.36
C LEU B 186 7.69 -21.31 18.01
N VAL B 187 6.51 -21.17 18.62
CA VAL B 187 6.15 -19.94 19.30
C VAL B 187 6.20 -20.16 20.80
N THR B 188 6.91 -19.29 21.51
CA THR B 188 7.08 -19.50 22.94
C THR B 188 6.66 -18.26 23.72
N ASN B 189 5.75 -18.46 24.67
CA ASN B 189 5.33 -17.41 25.59
C ASN B 189 6.48 -17.17 26.56
N THR B 190 7.20 -16.07 26.38
CA THR B 190 8.45 -15.85 27.10
C THR B 190 8.18 -15.71 28.60
N GLN B 191 7.02 -15.17 28.94
CA GLN B 191 6.59 -15.10 30.32
C GLN B 191 6.42 -16.49 30.96
N THR B 192 5.52 -17.30 30.40
CA THR B 192 5.16 -18.58 31.01
C THR B 192 6.02 -19.76 30.54
N GLY B 193 6.78 -19.57 29.47
CA GLY B 193 7.59 -20.64 28.90
C GLY B 193 6.83 -21.64 28.05
N GLU B 194 5.50 -21.53 28.01
CA GLU B 194 4.66 -22.43 27.23
C GLU B 194 4.94 -22.37 25.73
N GLU B 195 4.94 -23.53 25.08
CA GLU B 195 5.26 -23.60 23.65
C GLU B 195 4.05 -23.99 22.80
N HIS B 196 4.06 -23.51 21.57
CA HIS B 196 3.03 -23.83 20.59
C HIS B 196 3.67 -23.92 19.21
N THR B 197 3.38 -24.99 18.47
CA THR B 197 3.97 -25.21 17.15
C THR B 197 2.97 -24.82 16.07
N VAL B 198 3.45 -24.06 15.08
CA VAL B 198 2.57 -23.63 14.00
C VAL B 198 3.17 -24.07 12.68
N THR B 199 2.35 -24.63 11.80
CA THR B 199 2.75 -24.90 10.42
C THR B 199 2.45 -23.68 9.57
N HIS B 200 3.44 -23.24 8.82
CA HIS B 200 3.33 -22.03 8.01
C HIS B 200 3.59 -22.37 6.54
N LEU B 201 2.59 -22.14 5.69
CA LEU B 201 2.71 -22.40 4.27
C LEU B 201 2.67 -21.11 3.48
N GLN B 202 3.69 -20.86 2.65
CA GLN B 202 3.73 -19.61 1.90
C GLN B 202 3.68 -19.89 0.42
N TYR B 203 2.56 -19.55 -0.21
CA TYR B 203 2.42 -19.77 -1.64
C TYR B 203 3.01 -18.61 -2.39
N VAL B 204 4.11 -18.83 -3.12
CA VAL B 204 4.88 -17.74 -3.72
C VAL B 204 4.65 -17.55 -5.24
N ALA B 205 3.88 -18.45 -5.86
CA ALA B 205 3.71 -18.40 -7.31
C ALA B 205 2.31 -17.90 -7.70
N TRP B 206 1.96 -16.71 -7.18
CA TRP B 206 0.61 -16.16 -7.30
C TRP B 206 0.68 -14.64 -7.11
N PRO B 207 0.73 -13.90 -8.23
CA PRO B 207 0.86 -12.44 -8.15
C PRO B 207 -0.40 -11.76 -7.64
N ASP B 208 -0.19 -10.65 -6.93
CA ASP B 208 -1.30 -9.89 -6.37
C ASP B 208 -2.22 -9.44 -7.50
N HIS B 209 -3.54 -9.45 -7.26
CA HIS B 209 -4.59 -9.13 -8.25
C HIS B 209 -4.67 -10.13 -9.41
N GLY B 210 -3.87 -11.18 -9.34
CA GLY B 210 -3.74 -12.14 -10.42
C GLY B 210 -4.17 -13.56 -10.07
N VAL B 211 -3.80 -14.49 -10.92
CA VAL B 211 -4.16 -15.90 -10.74
C VAL B 211 -2.89 -16.72 -10.46
N PRO B 212 -3.04 -17.93 -9.89
CA PRO B 212 -1.86 -18.76 -9.67
C PRO B 212 -1.14 -19.02 -10.97
N ASP B 213 0.18 -19.00 -10.94
CA ASP B 213 0.96 -19.21 -12.15
C ASP B 213 0.67 -20.58 -12.77
N ASP B 214 0.30 -21.53 -11.93
CA ASP B 214 0.01 -22.89 -12.41
C ASP B 214 -1.18 -23.46 -11.68
N SER B 215 -2.25 -23.74 -12.43
CA SER B 215 -3.49 -24.18 -11.82
C SER B 215 -3.34 -25.53 -11.13
N SER B 216 -2.57 -26.46 -11.70
CA SER B 216 -2.36 -27.75 -11.03
C SER B 216 -1.61 -27.58 -9.71
N ASP B 217 -0.60 -26.71 -9.67
CA ASP B 217 0.12 -26.46 -8.41
C ASP B 217 -0.82 -25.88 -7.38
N PHE B 218 -1.69 -24.99 -7.83
CA PHE B 218 -2.67 -24.38 -6.90
C PHE B 218 -3.57 -25.45 -6.32
N LEU B 219 -4.07 -26.34 -7.17
CA LEU B 219 -5.03 -27.35 -6.70
C LEU B 219 -4.37 -28.34 -5.74
N GLU B 220 -3.12 -28.72 -6.04
CA GLU B 220 -2.33 -29.57 -5.12
C GLU B 220 -2.18 -28.88 -3.76
N PHE B 221 -1.95 -27.57 -3.80
CA PHE B 221 -1.77 -26.81 -2.56
C PHE B 221 -3.07 -26.76 -1.75
N VAL B 222 -4.19 -26.49 -2.40
CA VAL B 222 -5.45 -26.47 -1.66
C VAL B 222 -5.75 -27.86 -1.05
N ASN B 223 -5.46 -28.94 -1.77
CA ASN B 223 -5.74 -30.22 -1.16
CA ASN B 223 -5.63 -30.29 -1.24
C ASN B 223 -4.78 -30.46 0.01
N TYR B 224 -3.59 -29.89 -0.03
CA TYR B 224 -2.65 -30.02 1.09
C TYR B 224 -3.17 -29.24 2.31
N VAL B 225 -3.68 -28.04 2.08
CA VAL B 225 -4.30 -27.25 3.15
C VAL B 225 -5.45 -28.03 3.77
N ARG B 226 -6.29 -28.61 2.91
CA ARG B 226 -7.45 -29.36 3.37
C ARG B 226 -7.00 -30.53 4.24
N SER B 227 -5.86 -31.13 3.88
CA SER B 227 -5.37 -32.30 4.59
C SER B 227 -4.92 -31.93 6.00
N LEU B 228 -4.60 -30.66 6.22
CA LEU B 228 -4.06 -30.22 7.49
C LEU B 228 -5.14 -29.60 8.38
N ARG B 229 -6.30 -29.33 7.80
CA ARG B 229 -7.39 -28.71 8.54
C ARG B 229 -7.85 -29.60 9.68
N VAL B 230 -7.93 -29.02 10.87
CA VAL B 230 -8.51 -29.69 12.03
C VAL B 230 -9.91 -29.15 12.22
N ASP B 231 -10.90 -30.04 12.30
CA ASP B 231 -12.29 -29.62 12.48
C ASP B 231 -12.42 -28.70 13.69
N SER B 232 -13.24 -27.66 13.57
CA SER B 232 -13.48 -26.71 14.66
C SER B 232 -12.22 -25.90 15.08
N GLU B 233 -11.19 -25.87 14.24
CA GLU B 233 -10.08 -24.97 14.47
C GLU B 233 -9.97 -24.08 13.23
N PRO B 234 -9.94 -22.74 13.42
CA PRO B 234 -9.82 -21.86 12.26
C PRO B 234 -8.43 -21.97 11.61
N VAL B 235 -8.41 -21.95 10.29
CA VAL B 235 -7.17 -21.78 9.56
C VAL B 235 -6.94 -20.28 9.37
N LEU B 236 -5.77 -19.77 9.73
CA LEU B 236 -5.46 -18.37 9.44
C LEU B 236 -4.99 -18.25 8.00
N VAL B 237 -5.71 -17.47 7.20
CA VAL B 237 -5.32 -17.25 5.81
C VAL B 237 -5.04 -15.79 5.58
N HIS B 238 -3.88 -15.48 5.02
CA HIS B 238 -3.60 -14.09 4.74
C HIS B 238 -2.90 -13.91 3.41
N SER B 239 -3.07 -12.73 2.85
CA SER B 239 -2.32 -12.38 1.66
C SER B 239 -1.69 -11.02 1.93
N SER B 240 -1.76 -10.08 0.99
CA SER B 240 -1.29 -8.73 1.32
C SER B 240 -2.44 -7.93 1.92
N ALA B 241 -3.55 -7.86 1.18
CA ALA B 241 -4.75 -7.17 1.63
C ALA B 241 -5.67 -8.10 2.42
N GLY B 242 -5.46 -9.40 2.28
CA GLY B 242 -6.31 -10.38 2.91
C GLY B 242 -7.71 -10.54 2.30
N ILE B 243 -7.84 -10.19 1.02
CA ILE B 243 -9.15 -10.35 0.37
C ILE B 243 -9.11 -11.11 -0.97
N GLY B 244 -8.11 -10.84 -1.79
CA GLY B 244 -8.12 -11.29 -3.18
C GLY B 244 -7.76 -12.76 -3.31
N ARG B 245 -6.49 -13.05 -3.07
CA ARG B 245 -5.99 -14.41 -3.16
C ARG B 245 -6.59 -15.22 -2.03
N THR B 246 -6.75 -14.59 -0.87
CA THR B 246 -7.48 -15.21 0.22
C THR B 246 -8.89 -15.69 -0.17
N GLY B 247 -9.65 -14.83 -0.86
CA GLY B 247 -11.00 -15.22 -1.25
C GLY B 247 -11.00 -16.39 -2.24
N VAL B 248 -10.02 -16.40 -3.14
CA VAL B 248 -9.93 -17.48 -4.11
C VAL B 248 -9.71 -18.82 -3.40
N LEU B 249 -8.81 -18.83 -2.43
CA LEU B 249 -8.51 -20.05 -1.68
C LEU B 249 -9.75 -20.53 -0.91
N VAL B 250 -10.44 -19.61 -0.24
CA VAL B 250 -11.63 -19.98 0.51
C VAL B 250 -12.74 -20.55 -0.42
N THR B 251 -12.94 -19.91 -1.57
CA THR B 251 -13.92 -20.36 -2.53
C THR B 251 -13.59 -21.77 -3.00
N MET B 252 -12.32 -22.00 -3.33
CA MET B 252 -11.91 -23.32 -3.83
C MET B 252 -12.10 -24.41 -2.77
N GLU B 253 -11.71 -24.13 -1.54
CA GLU B 253 -11.87 -25.13 -0.49
C GLU B 253 -13.33 -25.47 -0.27
N THR B 254 -14.19 -24.45 -0.27
CA THR B 254 -15.63 -24.65 -0.13
C THR B 254 -16.15 -25.52 -1.27
N ALA B 255 -15.74 -25.23 -2.50
CA ALA B 255 -16.24 -25.99 -3.66
C ALA B 255 -15.79 -27.45 -3.61
N MET B 256 -14.57 -27.69 -3.14
CA MET B 256 -14.07 -29.07 -3.03
C MET B 256 -14.92 -29.87 -2.06
N CYS B 257 -15.31 -29.25 -0.95
CA CYS B 257 -16.16 -29.91 0.02
C CYS B 257 -17.52 -30.24 -0.56
N LEU B 258 -18.02 -29.35 -1.40
CA LEU B 258 -19.32 -29.51 -2.03
C LEU B 258 -19.30 -30.58 -3.10
N THR B 259 -18.28 -30.59 -3.94
CA THR B 259 -18.24 -31.51 -5.07
C THR B 259 -18.14 -32.95 -4.56
N GLU B 260 -17.35 -33.18 -3.50
CA GLU B 260 -17.18 -34.51 -2.91
C GLU B 260 -18.48 -35.05 -2.32
N ARG B 261 -19.40 -34.14 -1.99
CA ARG B 261 -20.65 -34.51 -1.33
CA ARG B 261 -20.63 -34.54 -1.34
C ARG B 261 -21.84 -34.49 -2.26
N ASN B 262 -21.59 -34.28 -3.55
CA ASN B 262 -22.66 -34.22 -4.55
C ASN B 262 -23.68 -33.11 -4.20
N LEU B 263 -23.17 -31.98 -3.71
CA LEU B 263 -24.01 -30.81 -3.44
C LEU B 263 -23.78 -29.74 -4.52
N PRO B 264 -24.85 -29.05 -4.96
CA PRO B 264 -24.67 -28.02 -5.99
C PRO B 264 -23.78 -26.85 -5.58
N ILE B 265 -23.11 -26.27 -6.56
CA ILE B 265 -22.10 -25.24 -6.34
C ILE B 265 -22.47 -23.99 -7.11
N TYR B 266 -22.71 -22.91 -6.37
CA TYR B 266 -22.97 -21.61 -6.98
C TYR B 266 -21.91 -20.63 -6.52
N PRO B 267 -20.88 -20.44 -7.37
CA PRO B 267 -19.76 -19.62 -6.87
C PRO B 267 -20.18 -18.20 -6.50
N LEU B 268 -21.18 -17.61 -7.15
CA LEU B 268 -21.55 -16.25 -6.78
C LEU B 268 -22.10 -16.16 -5.35
N ASP B 269 -22.79 -17.20 -4.92
CA ASP B 269 -23.31 -17.24 -3.56
C ASP B 269 -22.23 -17.55 -2.55
N ILE B 270 -21.23 -18.33 -2.96
CA ILE B 270 -20.09 -18.57 -2.07
C ILE B 270 -19.36 -17.26 -1.84
N VAL B 271 -19.20 -16.49 -2.91
CA VAL B 271 -18.50 -15.23 -2.78
C VAL B 271 -19.31 -14.25 -1.93
N ARG B 272 -20.62 -14.20 -2.16
CA ARG B 272 -21.45 -13.28 -1.36
C ARG B 272 -21.37 -13.65 0.12
N LYS B 273 -21.39 -14.96 0.41
CA LYS B 273 -21.32 -15.43 1.80
C LYS B 273 -20.00 -15.05 2.47
N MET B 274 -18.92 -15.04 1.68
CA MET B 274 -17.63 -14.57 2.19
C MET B 274 -17.67 -13.08 2.47
N ARG B 275 -18.23 -12.33 1.51
CA ARG B 275 -18.23 -10.87 1.57
C ARG B 275 -19.14 -10.33 2.66
N ASP B 276 -20.05 -11.17 3.13
CA ASP B 276 -20.88 -10.78 4.29
C ASP B 276 -20.07 -10.85 5.58
N GLN B 277 -18.85 -11.38 5.49
CA GLN B 277 -18.01 -11.55 6.67
C GLN B 277 -16.70 -10.79 6.57
N ARG B 278 -16.21 -10.64 5.35
CA ARG B 278 -15.10 -9.67 5.14
C ARG B 278 -15.28 -9.12 3.75
N ALA B 279 -15.35 -7.80 3.65
CA ALA B 279 -15.66 -7.13 2.39
C ALA B 279 -14.61 -7.44 1.31
N MET B 280 -15.05 -7.45 0.06
CA MET B 280 -14.21 -7.47 -1.15
C MET B 280 -13.51 -8.80 -1.43
N MET B 281 -13.83 -9.87 -0.71
CA MET B 281 -13.13 -11.12 -0.96
CA MET B 281 -13.21 -11.18 -0.94
C MET B 281 -13.36 -11.60 -2.39
N VAL B 282 -12.27 -12.07 -3.01
CA VAL B 282 -12.15 -12.31 -4.46
C VAL B 282 -12.17 -10.95 -5.18
N GLN B 283 -10.97 -10.47 -5.49
CA GLN B 283 -10.81 -9.08 -5.88
C GLN B 283 -11.13 -8.81 -7.34
N THR B 284 -10.74 -9.71 -8.25
CA THR B 284 -10.82 -9.34 -9.67
C THR B 284 -11.63 -10.34 -10.47
N SER B 285 -12.09 -9.95 -11.66
CA SER B 285 -12.82 -10.87 -12.50
CA SER B 285 -12.81 -10.86 -12.53
C SER B 285 -11.93 -12.02 -12.99
N SER B 286 -10.63 -11.76 -13.15
CA SER B 286 -9.71 -12.83 -13.56
CA SER B 286 -9.70 -12.82 -13.56
C SER B 286 -9.62 -13.91 -12.49
N GLN B 287 -9.68 -13.48 -11.22
CA GLN B 287 -9.64 -14.44 -10.10
C GLN B 287 -10.92 -15.25 -10.06
N TYR B 288 -12.06 -14.59 -10.25
CA TYR B 288 -13.33 -15.29 -10.25
C TYR B 288 -13.40 -16.28 -11.41
N LYS B 289 -12.99 -15.82 -12.59
CA LYS B 289 -12.99 -16.71 -13.75
C LYS B 289 -12.11 -17.92 -13.48
N PHE B 290 -10.92 -17.66 -12.94
CA PHE B 290 -10.00 -18.75 -12.62
C PHE B 290 -10.61 -19.78 -11.68
N VAL B 291 -11.19 -19.29 -10.59
CA VAL B 291 -11.75 -20.20 -9.59
C VAL B 291 -12.95 -20.99 -10.15
N CYS B 292 -13.78 -20.35 -10.97
CA CYS B 292 -14.89 -21.07 -11.61
C CYS B 292 -14.37 -22.19 -12.52
N GLU B 293 -13.34 -21.89 -13.31
CA GLU B 293 -12.76 -22.90 -14.19
C GLU B 293 -12.13 -24.05 -13.41
N ALA B 294 -11.45 -23.71 -12.33
CA ALA B 294 -10.84 -24.72 -11.45
C ALA B 294 -11.92 -25.60 -10.79
N ILE B 295 -13.07 -25.01 -10.46
CA ILE B 295 -14.18 -25.77 -9.89
C ILE B 295 -14.71 -26.80 -10.91
N LEU B 296 -14.89 -26.36 -12.15
CA LEU B 296 -15.32 -27.29 -13.20
C LEU B 296 -14.32 -28.42 -13.35
N ARG B 297 -13.04 -28.09 -13.30
CA ARG B 297 -11.99 -29.09 -13.45
CA ARG B 297 -11.99 -29.08 -13.43
C ARG B 297 -12.04 -30.12 -12.31
N VAL B 298 -12.14 -29.66 -11.06
CA VAL B 298 -12.17 -30.63 -9.97
C VAL B 298 -13.49 -31.45 -9.97
N TYR B 299 -14.57 -30.84 -10.42
CA TYR B 299 -15.82 -31.61 -10.57
C TYR B 299 -15.65 -32.76 -11.56
N GLU B 300 -15.12 -32.43 -12.73
CA GLU B 300 -14.90 -33.43 -13.78
C GLU B 300 -13.96 -34.54 -13.32
N GLU B 301 -12.90 -34.18 -12.60
CA GLU B 301 -11.94 -35.18 -12.12
C GLU B 301 -12.58 -36.06 -11.04
N GLY B 302 -13.43 -35.44 -10.22
CA GLY B 302 -14.22 -36.17 -9.23
C GLY B 302 -15.08 -37.27 -9.84
N LEU B 303 -15.65 -37.01 -11.02
CA LEU B 303 -16.50 -37.99 -11.69
C LEU B 303 -15.70 -39.21 -12.16
N VAL B 304 -14.46 -39.01 -12.59
CA VAL B 304 -13.67 -40.12 -13.11
C VAL B 304 -13.34 -41.10 -11.98
N GLN B 305 -13.00 -40.57 -10.82
CA GLN B 305 -12.80 -41.43 -9.65
C GLN B 305 -14.16 -41.81 -9.05
P PO4 C . 8.64 24.44 -8.88
O1 PO4 C . 9.20 23.67 -10.05
O2 PO4 C . 7.13 24.22 -8.81
O3 PO4 C . 9.35 24.13 -7.57
O4 PO4 C . 8.83 25.92 -9.14
P PO4 D . -4.56 -9.73 -1.91
O1 PO4 D . -4.60 -10.94 -2.82
O2 PO4 D . -5.62 -9.90 -0.83
O3 PO4 D . -3.19 -9.58 -1.30
O4 PO4 D . -4.86 -8.47 -2.70
C1 GOL E . -5.11 -3.14 -3.20
O1 GOL E . -6.51 -2.99 -3.06
C2 GOL E . -4.68 -4.43 -2.53
O2 GOL E . -5.56 -5.47 -2.94
C3 GOL E . -3.28 -4.84 -2.95
O3 GOL E . -2.89 -6.04 -2.31
#